data_2H8G
#
_entry.id   2H8G
#
_cell.length_a   40.543
_cell.length_b   126.585
_cell.length_c   45.794
_cell.angle_alpha   90.00
_cell.angle_beta   104.38
_cell.angle_gamma   90.00
#
_symmetry.space_group_name_H-M   'P 1 21 1'
#
loop_
_entity.id
_entity.type
_entity.pdbx_description
1 polymer "5'-Methylthioadenosine Nucleosidase"
2 non-polymer ADENINE
3 water water
#
_entity_poly.entity_id   1
_entity_poly.type   'polypeptide(L)'
_entity_poly.pdbx_seq_one_letter_code
;MAPHGDGLSDIEEPEVDAQSEILRPISSVVFVIAMQAEALPLVNKFGLSETTDSPLGKGLPWVLYHGVHKDLRINVVCPG
RDAALGIDSVGTVPASLITFASIQALKPDIIINAGTCGGFKVKGANIGDVFLVSDVVFHDRRIPIPMFDLYGVGLRQAFS
TPNLLKELNLKIGRLSTGDSLDMSTQDETLIIANDATLKDMEGAAVAYVADLLKIPVVFLKAVTDLVDGDKPTAEEFLQN
LTVVTAALEGTATKVINFINGRNLSDL
;
_entity_poly.pdbx_strand_id   A,B
#
# COMPACT_ATOMS: atom_id res chain seq x y z
N ILE A 22 3.67 29.18 -18.17
CA ILE A 22 4.68 28.92 -19.23
C ILE A 22 5.41 27.61 -18.96
N LEU A 23 5.28 26.65 -19.89
CA LEU A 23 5.94 25.35 -19.75
C LEU A 23 7.44 25.47 -19.96
N ARG A 24 8.19 24.67 -19.20
CA ARG A 24 9.65 24.69 -19.27
C ARG A 24 10.24 23.29 -19.28
N PRO A 25 11.54 23.18 -19.58
CA PRO A 25 12.19 21.87 -19.62
C PRO A 25 12.14 21.18 -18.25
N ILE A 26 12.08 19.85 -18.27
CA ILE A 26 12.06 19.06 -17.06
C ILE A 26 13.28 19.44 -16.23
N SER A 27 13.10 19.62 -14.94
CA SER A 27 14.22 20.01 -14.08
C SER A 27 14.53 19.01 -12.98
N SER A 28 13.55 18.19 -12.60
CA SER A 28 13.76 17.22 -11.55
C SER A 28 13.10 15.89 -11.85
N VAL A 29 13.79 14.80 -11.54
CA VAL A 29 13.28 13.46 -11.76
C VAL A 29 13.50 12.64 -10.49
N VAL A 30 12.50 11.85 -10.14
CA VAL A 30 12.60 10.98 -8.97
C VAL A 30 12.48 9.54 -9.42
N PHE A 31 13.46 8.73 -9.06
CA PHE A 31 13.42 7.30 -9.37
C PHE A 31 12.93 6.62 -8.09
N VAL A 32 11.90 5.78 -8.21
CA VAL A 32 11.40 5.03 -7.07
C VAL A 32 11.90 3.63 -7.36
N ILE A 33 12.78 3.12 -6.50
CA ILE A 33 13.38 1.80 -6.68
C ILE A 33 13.24 0.99 -5.39
N ALA A 34 12.63 -0.18 -5.51
CA ALA A 34 12.36 -1.04 -4.35
C ALA A 34 13.57 -1.64 -3.64
N MET A 35 14.54 -2.13 -4.40
CA MET A 35 15.72 -2.76 -3.80
C MET A 35 16.97 -1.89 -3.92
N GLN A 36 17.73 -1.79 -2.83
CA GLN A 36 18.95 -1.00 -2.85
C GLN A 36 19.88 -1.52 -3.93
N ALA A 37 19.86 -2.84 -4.15
CA ALA A 37 20.71 -3.48 -5.15
C ALA A 37 20.35 -3.06 -6.56
N GLU A 38 19.10 -2.64 -6.76
CA GLU A 38 18.65 -2.19 -8.07
C GLU A 38 19.06 -0.73 -8.25
N ALA A 39 19.17 -0.01 -7.13
CA ALA A 39 19.53 1.40 -7.15
C ALA A 39 21.03 1.70 -7.16
N LEU A 40 21.80 0.93 -6.40
CA LEU A 40 23.24 1.16 -6.32
C LEU A 40 23.93 1.33 -7.67
N PRO A 41 23.66 0.44 -8.63
CA PRO A 41 24.29 0.57 -9.95
C PRO A 41 24.07 1.95 -10.56
N LEU A 42 22.84 2.45 -10.43
CA LEU A 42 22.48 3.75 -10.96
C LEU A 42 23.08 4.89 -10.14
N VAL A 43 23.10 4.72 -8.82
CA VAL A 43 23.66 5.72 -7.92
C VAL A 43 25.14 5.94 -8.24
N ASN A 44 25.88 4.84 -8.37
CA ASN A 44 27.31 4.88 -8.68
C ASN A 44 27.57 5.45 -10.07
N LYS A 45 26.69 5.12 -11.01
CA LYS A 45 26.83 5.60 -12.38
C LYS A 45 26.81 7.12 -12.47
N PHE A 46 25.94 7.76 -11.70
CA PHE A 46 25.84 9.21 -11.71
C PHE A 46 26.45 9.84 -10.46
N GLY A 47 27.16 9.03 -9.68
CA GLY A 47 27.81 9.52 -8.48
C GLY A 47 26.88 10.26 -7.53
N LEU A 48 25.69 9.71 -7.32
CA LEU A 48 24.73 10.31 -6.40
C LEU A 48 25.18 10.08 -4.97
N SER A 49 24.93 11.06 -4.09
CA SER A 49 25.30 10.95 -2.70
C SER A 49 24.10 10.65 -1.82
N GLU A 50 24.30 9.76 -0.85
CA GLU A 50 23.23 9.38 0.07
C GLU A 50 23.03 10.47 1.10
N THR A 51 21.87 11.14 1.04
CA THR A 51 21.56 12.20 1.98
C THR A 51 21.52 11.64 3.39
N THR A 52 22.35 12.18 4.27
CA THR A 52 22.40 11.71 5.65
C THR A 52 21.59 12.61 6.59
N ASP A 53 21.23 13.79 6.11
CA ASP A 53 20.46 14.73 6.90
C ASP A 53 18.96 14.40 6.92
N SER A 54 18.62 13.19 6.50
CA SER A 54 17.23 12.74 6.47
C SER A 54 16.29 13.79 5.89
N PRO A 55 16.28 13.95 4.56
CA PRO A 55 15.43 14.91 3.85
C PRO A 55 13.94 14.62 3.95
N LEU A 56 13.53 13.53 3.31
CA LEU A 56 12.12 13.13 3.27
C LEU A 56 11.46 12.99 4.63
N GLY A 57 11.93 12.03 5.44
CA GLY A 57 11.33 11.83 6.74
C GLY A 57 12.32 11.88 7.89
N LYS A 58 11.80 12.01 9.11
CA LYS A 58 12.63 12.07 10.31
C LYS A 58 12.41 10.82 11.16
N GLY A 59 13.26 9.82 10.96
CA GLY A 59 13.15 8.59 11.72
C GLY A 59 12.65 7.42 10.90
N LEU A 60 12.81 7.51 9.59
CA LEU A 60 12.37 6.46 8.68
C LEU A 60 13.58 5.74 8.05
N PRO A 61 13.39 4.48 7.63
CA PRO A 61 14.48 3.71 7.01
C PRO A 61 14.67 4.05 5.54
N TRP A 62 13.82 4.91 5.01
CA TRP A 62 13.91 5.28 3.61
C TRP A 62 15.25 5.91 3.27
N VAL A 63 15.78 5.55 2.11
CA VAL A 63 17.06 6.06 1.65
C VAL A 63 16.88 6.98 0.44
N LEU A 64 17.46 8.16 0.52
CA LEU A 64 17.37 9.13 -0.57
C LEU A 64 18.74 9.51 -1.09
N TYR A 65 18.98 9.27 -2.37
CA TYR A 65 20.25 9.63 -2.99
C TYR A 65 19.99 10.82 -3.88
N HIS A 66 20.82 11.86 -3.78
CA HIS A 66 20.63 13.03 -4.60
C HIS A 66 21.89 13.35 -5.39
N GLY A 67 21.71 14.06 -6.50
CA GLY A 67 22.83 14.41 -7.35
C GLY A 67 22.38 15.25 -8.52
N VAL A 68 23.33 15.68 -9.34
CA VAL A 68 23.00 16.50 -10.49
C VAL A 68 23.71 16.01 -11.75
N HIS A 69 22.95 15.93 -12.84
CA HIS A 69 23.48 15.50 -14.12
C HIS A 69 23.01 16.50 -15.15
N LYS A 70 23.94 17.27 -15.70
CA LYS A 70 23.62 18.28 -16.70
C LYS A 70 22.60 19.26 -16.15
N ASP A 71 21.45 19.36 -16.82
CA ASP A 71 20.41 20.28 -16.38
C ASP A 71 19.28 19.59 -15.62
N LEU A 72 19.57 18.42 -15.06
CA LEU A 72 18.56 17.68 -14.32
C LEU A 72 18.95 17.32 -12.90
N ARG A 73 18.02 17.56 -11.97
CA ARG A 73 18.24 17.20 -10.58
C ARG A 73 17.76 15.76 -10.51
N ILE A 74 18.59 14.87 -10.01
CA ILE A 74 18.22 13.46 -9.92
C ILE A 74 18.08 12.99 -8.49
N ASN A 75 16.92 12.45 -8.16
CA ASN A 75 16.67 11.92 -6.83
C ASN A 75 16.31 10.46 -6.98
N VAL A 76 16.87 9.62 -6.12
CA VAL A 76 16.59 8.19 -6.14
C VAL A 76 16.13 7.82 -4.74
N VAL A 77 14.93 7.26 -4.62
CA VAL A 77 14.40 6.90 -3.32
C VAL A 77 14.11 5.41 -3.22
N CYS A 78 14.50 4.82 -2.09
CA CYS A 78 14.31 3.40 -1.82
C CYS A 78 13.68 3.24 -0.44
N PRO A 79 12.81 2.23 -0.28
CA PRO A 79 12.14 1.98 1.00
C PRO A 79 13.11 1.59 2.10
N GLY A 80 14.29 1.13 1.71
CA GLY A 80 15.31 0.76 2.67
C GLY A 80 15.13 -0.57 3.37
N ARG A 81 15.96 -0.80 4.38
CA ARG A 81 15.93 -2.04 5.14
C ARG A 81 14.81 -2.09 6.16
N ASP A 82 14.17 -3.25 6.24
CA ASP A 82 13.09 -3.46 7.20
C ASP A 82 13.76 -3.59 8.56
N ALA A 83 13.28 -2.84 9.54
CA ALA A 83 13.87 -2.87 10.87
C ALA A 83 13.88 -4.26 11.50
N ALA A 84 12.80 -5.02 11.30
CA ALA A 84 12.68 -6.35 11.89
C ALA A 84 13.49 -7.46 11.21
N LEU A 85 13.45 -7.51 9.87
CA LEU A 85 14.17 -8.55 9.15
C LEU A 85 15.45 -8.11 8.43
N GLY A 86 15.60 -6.80 8.23
CA GLY A 86 16.79 -6.29 7.57
C GLY A 86 16.77 -6.19 6.05
N ILE A 87 15.98 -7.04 5.38
CA ILE A 87 15.90 -7.03 3.93
C ILE A 87 15.17 -5.82 3.36
N ASP A 88 15.24 -5.64 2.05
CA ASP A 88 14.57 -4.52 1.39
C ASP A 88 13.07 -4.59 1.65
N SER A 89 12.49 -3.43 1.93
CA SER A 89 11.06 -3.34 2.21
C SER A 89 10.28 -3.27 0.90
N VAL A 90 10.19 -4.42 0.23
CA VAL A 90 9.49 -4.52 -1.05
C VAL A 90 7.98 -4.57 -0.86
N GLY A 91 7.24 -4.52 -1.97
CA GLY A 91 5.80 -4.59 -1.89
C GLY A 91 5.11 -3.28 -2.18
N THR A 92 3.80 -3.35 -2.38
CA THR A 92 3.02 -2.17 -2.73
C THR A 92 2.87 -1.11 -1.64
N VAL A 93 2.77 -1.53 -0.39
CA VAL A 93 2.60 -0.54 0.67
C VAL A 93 3.81 0.38 0.82
N PRO A 94 5.03 -0.17 0.98
CA PRO A 94 6.18 0.75 1.11
C PRO A 94 6.41 1.59 -0.14
N ALA A 95 6.18 1.00 -1.31
CA ALA A 95 6.36 1.73 -2.56
C ALA A 95 5.40 2.90 -2.64
N SER A 96 4.17 2.68 -2.22
CA SER A 96 3.18 3.75 -2.27
C SER A 96 3.56 4.86 -1.30
N LEU A 97 4.08 4.50 -0.14
CA LEU A 97 4.46 5.48 0.87
C LEU A 97 5.64 6.36 0.42
N ILE A 98 6.69 5.74 -0.10
CA ILE A 98 7.83 6.54 -0.53
C ILE A 98 7.51 7.37 -1.77
N THR A 99 6.61 6.88 -2.59
CA THR A 99 6.21 7.64 -3.78
C THR A 99 5.44 8.88 -3.31
N PHE A 100 4.53 8.69 -2.37
CA PHE A 100 3.73 9.78 -1.84
C PHE A 100 4.62 10.81 -1.15
N ALA A 101 5.46 10.36 -0.24
CA ALA A 101 6.34 11.28 0.49
C ALA A 101 7.34 11.99 -0.42
N SER A 102 7.89 11.27 -1.39
CA SER A 102 8.85 11.85 -2.32
C SER A 102 8.22 12.92 -3.19
N ILE A 103 6.97 12.70 -3.62
CA ILE A 103 6.29 13.69 -4.44
C ILE A 103 6.03 14.97 -3.66
N GLN A 104 5.54 14.83 -2.43
CA GLN A 104 5.24 16.00 -1.61
C GLN A 104 6.48 16.78 -1.17
N ALA A 105 7.58 16.08 -0.94
CA ALA A 105 8.80 16.75 -0.50
C ALA A 105 9.71 17.21 -1.64
N LEU A 106 9.85 16.38 -2.67
CA LEU A 106 10.73 16.69 -3.79
C LEU A 106 10.09 17.35 -5.00
N LYS A 107 8.75 17.30 -5.09
CA LYS A 107 8.01 17.91 -6.19
C LYS A 107 8.66 17.68 -7.56
N PRO A 108 8.83 16.41 -7.94
CA PRO A 108 9.44 16.05 -9.23
C PRO A 108 8.53 16.37 -10.41
N ASP A 109 9.13 16.49 -11.60
CA ASP A 109 8.36 16.75 -12.80
C ASP A 109 7.85 15.43 -13.35
N ILE A 110 8.60 14.37 -13.08
CA ILE A 110 8.25 13.04 -13.55
C ILE A 110 8.86 11.99 -12.63
N ILE A 111 8.16 10.85 -12.50
CA ILE A 111 8.63 9.76 -11.67
C ILE A 111 8.98 8.58 -12.55
N ILE A 112 10.07 7.90 -12.22
CA ILE A 112 10.45 6.71 -12.97
C ILE A 112 10.56 5.57 -11.97
N ASN A 113 9.71 4.55 -12.15
CA ASN A 113 9.75 3.38 -11.28
C ASN A 113 10.61 2.38 -12.05
N ALA A 114 11.83 2.16 -11.57
CA ALA A 114 12.74 1.24 -12.25
C ALA A 114 13.00 0.04 -11.35
N GLY A 115 12.98 -1.15 -11.95
CA GLY A 115 13.25 -2.34 -11.16
C GLY A 115 13.16 -3.61 -11.98
N THR A 116 13.44 -4.73 -11.34
CA THR A 116 13.40 -6.03 -11.96
C THR A 116 11.97 -6.57 -11.94
N CYS A 117 11.70 -7.56 -12.77
CA CYS A 117 10.36 -8.11 -12.85
C CYS A 117 10.38 -9.48 -13.51
N GLY A 118 9.24 -10.16 -13.45
CA GLY A 118 9.12 -11.44 -14.11
C GLY A 118 8.52 -11.15 -15.48
N GLY A 119 8.76 -12.03 -16.43
CA GLY A 119 8.23 -11.82 -17.77
C GLY A 119 7.62 -13.08 -18.32
N PHE A 120 6.73 -12.92 -19.30
CA PHE A 120 6.12 -14.07 -19.94
C PHE A 120 6.71 -14.27 -21.32
N LYS A 121 7.32 -15.44 -21.49
CA LYS A 121 7.96 -15.81 -22.75
C LYS A 121 6.94 -15.78 -23.88
N VAL A 122 5.71 -16.22 -23.60
CA VAL A 122 4.66 -16.24 -24.60
C VAL A 122 4.25 -14.84 -25.05
N LYS A 123 4.56 -13.84 -24.24
CA LYS A 123 4.22 -12.46 -24.56
C LYS A 123 5.39 -11.72 -25.20
N GLY A 124 6.47 -12.45 -25.44
CA GLY A 124 7.64 -11.88 -26.09
C GLY A 124 8.74 -11.41 -25.17
N ALA A 125 8.64 -11.70 -23.87
CA ALA A 125 9.68 -11.28 -22.94
C ALA A 125 10.85 -12.27 -22.90
N ASN A 126 12.05 -11.73 -22.76
CA ASN A 126 13.26 -12.52 -22.67
C ASN A 126 14.09 -12.01 -21.48
N ILE A 127 14.85 -12.90 -20.86
CA ILE A 127 15.69 -12.52 -19.73
C ILE A 127 16.63 -11.41 -20.20
N GLY A 128 16.72 -10.35 -19.40
CA GLY A 128 17.60 -9.25 -19.75
C GLY A 128 16.92 -8.08 -20.43
N ASP A 129 15.72 -8.29 -20.95
CA ASP A 129 15.00 -7.21 -21.62
C ASP A 129 14.59 -6.14 -20.62
N VAL A 130 14.74 -4.87 -21.02
CA VAL A 130 14.31 -3.77 -20.18
C VAL A 130 13.13 -3.17 -20.92
N PHE A 131 11.95 -3.34 -20.34
CA PHE A 131 10.69 -2.88 -20.91
C PHE A 131 10.24 -1.49 -20.45
N LEU A 132 9.53 -0.82 -21.34
CA LEU A 132 8.92 0.47 -21.05
C LEU A 132 7.46 0.03 -20.91
N VAL A 133 6.82 0.32 -19.78
CA VAL A 133 5.44 -0.12 -19.56
C VAL A 133 4.38 0.78 -20.19
N SER A 134 3.37 0.17 -20.82
CA SER A 134 2.27 0.90 -21.45
C SER A 134 1.21 1.28 -20.41
N ASP A 135 0.70 0.27 -19.71
CA ASP A 135 -0.28 0.50 -18.65
C ASP A 135 -0.03 -0.54 -17.56
N VAL A 136 -0.66 -0.34 -16.42
CA VAL A 136 -0.45 -1.22 -15.28
C VAL A 136 -1.75 -1.58 -14.57
N VAL A 137 -1.78 -2.78 -14.00
CA VAL A 137 -2.93 -3.27 -13.27
C VAL A 137 -2.47 -4.09 -12.08
N PHE A 138 -3.40 -4.41 -11.18
CA PHE A 138 -3.13 -5.27 -10.01
C PHE A 138 -3.80 -6.61 -10.34
N HIS A 139 -3.19 -7.72 -9.94
CA HIS A 139 -3.81 -9.02 -10.16
C HIS A 139 -4.22 -9.70 -8.85
N ASP A 140 -3.92 -9.08 -7.71
CA ASP A 140 -4.27 -9.68 -6.42
C ASP A 140 -5.21 -8.88 -5.53
N ARG A 141 -5.98 -7.97 -6.11
CA ARG A 141 -6.95 -7.20 -5.33
C ARG A 141 -8.29 -7.59 -5.92
N ARG A 142 -8.74 -8.79 -5.55
CA ARG A 142 -9.99 -9.34 -6.06
C ARG A 142 -11.20 -8.98 -5.22
N ILE A 143 -12.09 -8.17 -5.79
CA ILE A 143 -13.32 -7.76 -5.11
C ILE A 143 -14.39 -8.09 -6.15
N PRO A 144 -14.82 -9.37 -6.20
CA PRO A 144 -15.82 -9.93 -7.11
C PRO A 144 -17.23 -9.36 -7.11
N ILE A 145 -17.35 -8.04 -7.07
CA ILE A 145 -18.65 -7.40 -7.10
C ILE A 145 -18.58 -6.18 -8.01
N PRO A 146 -19.74 -5.72 -8.52
CA PRO A 146 -19.77 -4.56 -9.40
C PRO A 146 -19.03 -3.32 -8.89
N MET A 147 -18.37 -2.64 -9.82
CA MET A 147 -17.62 -1.43 -9.54
C MET A 147 -16.36 -1.67 -8.73
N PHE A 148 -16.49 -2.36 -7.59
CA PHE A 148 -15.30 -2.64 -6.79
C PHE A 148 -14.32 -3.53 -7.52
N ASP A 149 -14.82 -4.39 -8.40
CA ASP A 149 -13.90 -5.27 -9.12
C ASP A 149 -12.94 -4.46 -9.99
N LEU A 150 -13.45 -3.47 -10.71
CA LEU A 150 -12.61 -2.63 -11.56
C LEU A 150 -11.66 -1.80 -10.67
N TYR A 151 -12.15 -1.39 -9.51
CA TYR A 151 -11.33 -0.62 -8.60
C TYR A 151 -10.12 -1.45 -8.17
N GLY A 152 -10.36 -2.70 -7.83
CA GLY A 152 -9.27 -3.58 -7.41
C GLY A 152 -8.23 -3.74 -8.51
N VAL A 153 -8.68 -3.89 -9.75
CA VAL A 153 -7.75 -4.04 -10.86
C VAL A 153 -6.90 -2.78 -11.00
N GLY A 154 -7.51 -1.63 -10.75
CA GLY A 154 -6.78 -0.37 -10.80
C GLY A 154 -5.98 -0.05 -12.05
N LEU A 155 -6.61 -0.22 -13.20
CA LEU A 155 -5.94 0.07 -14.46
C LEU A 155 -5.51 1.52 -14.55
N ARG A 156 -4.23 1.75 -14.87
CA ARG A 156 -3.71 3.09 -15.03
C ARG A 156 -2.72 3.09 -16.18
N GLN A 157 -2.70 4.18 -16.96
CA GLN A 157 -1.80 4.27 -18.10
C GLN A 157 -0.52 4.98 -17.70
N ALA A 158 0.61 4.51 -18.23
CA ALA A 158 1.88 5.16 -17.94
C ALA A 158 1.92 6.41 -18.82
N PHE A 159 2.75 7.37 -18.46
CA PHE A 159 2.87 8.60 -19.22
C PHE A 159 3.38 8.26 -20.61
N SER A 160 2.79 8.87 -21.63
CA SER A 160 3.18 8.62 -23.01
C SER A 160 4.55 9.23 -23.35
N THR A 161 5.47 8.38 -23.81
CA THR A 161 6.82 8.82 -24.18
C THR A 161 7.17 8.23 -25.54
N PRO A 162 6.43 8.62 -26.59
CA PRO A 162 6.65 8.13 -27.96
C PRO A 162 8.05 8.35 -28.51
N ASN A 163 8.61 9.54 -28.29
CA ASN A 163 9.95 9.84 -28.79
C ASN A 163 11.02 9.02 -28.08
N LEU A 164 10.85 8.81 -26.79
CA LEU A 164 11.80 8.02 -26.02
C LEU A 164 11.83 6.60 -26.57
N LEU A 165 10.65 6.05 -26.83
CA LEU A 165 10.54 4.70 -27.35
C LEU A 165 11.12 4.58 -28.76
N LYS A 166 10.96 5.63 -29.57
CA LYS A 166 11.47 5.63 -30.93
C LYS A 166 12.99 5.80 -30.99
N GLU A 167 13.57 6.24 -29.88
CA GLU A 167 15.00 6.46 -29.79
C GLU A 167 15.72 5.27 -29.15
N LEU A 168 15.17 4.79 -28.04
CA LEU A 168 15.78 3.68 -27.33
C LEU A 168 15.27 2.32 -27.80
N ASN A 169 14.14 2.32 -28.52
CA ASN A 169 13.54 1.10 -29.04
C ASN A 169 13.42 0.01 -27.99
N LEU A 170 12.78 0.36 -26.88
CA LEU A 170 12.58 -0.59 -25.81
C LEU A 170 11.29 -1.35 -26.11
N LYS A 171 11.22 -2.60 -25.66
CA LYS A 171 10.00 -3.37 -25.85
C LYS A 171 8.97 -2.76 -24.92
N ILE A 172 7.70 -2.93 -25.22
CA ILE A 172 6.64 -2.39 -24.37
C ILE A 172 5.62 -3.47 -24.05
N GLY A 173 4.91 -3.29 -22.96
CA GLY A 173 3.90 -4.26 -22.57
C GLY A 173 3.20 -3.81 -21.31
N ARG A 174 2.15 -4.54 -20.94
CA ARG A 174 1.39 -4.23 -19.74
C ARG A 174 2.05 -4.90 -18.55
N LEU A 175 2.01 -4.23 -17.40
CA LEU A 175 2.59 -4.72 -16.16
C LEU A 175 1.46 -5.10 -15.18
N SER A 176 1.60 -6.23 -14.52
CA SER A 176 0.62 -6.68 -13.54
C SER A 176 1.33 -6.80 -12.19
N THR A 177 0.81 -6.09 -11.21
CA THR A 177 1.37 -6.02 -9.87
C THR A 177 0.62 -6.82 -8.81
N GLY A 178 1.38 -7.40 -7.89
CA GLY A 178 0.80 -8.14 -6.79
C GLY A 178 1.85 -8.21 -5.69
N ASP A 179 1.43 -8.42 -4.45
CA ASP A 179 2.41 -8.49 -3.37
C ASP A 179 3.09 -9.83 -3.12
N SER A 180 2.87 -10.78 -4.03
CA SER A 180 3.51 -12.09 -3.89
C SER A 180 4.52 -12.27 -5.02
N LEU A 181 5.65 -12.89 -4.70
CA LEU A 181 6.70 -13.12 -5.68
C LEU A 181 6.35 -14.38 -6.47
N ASP A 182 5.65 -15.30 -5.83
CA ASP A 182 5.24 -16.52 -6.50
C ASP A 182 3.97 -16.19 -7.27
N MET A 183 3.33 -17.19 -7.86
CA MET A 183 2.10 -16.95 -8.59
C MET A 183 1.13 -18.08 -8.29
N SER A 184 0.06 -17.73 -7.57
CA SER A 184 -0.95 -18.71 -7.23
C SER A 184 -1.80 -18.99 -8.45
N THR A 185 -2.60 -20.05 -8.37
CA THR A 185 -3.47 -20.41 -9.49
C THR A 185 -4.44 -19.26 -9.76
N GLN A 186 -4.90 -18.61 -8.69
CA GLN A 186 -5.83 -17.49 -8.84
C GLN A 186 -5.12 -16.31 -9.49
N ASP A 187 -3.88 -16.06 -9.11
CA ASP A 187 -3.13 -14.95 -9.70
C ASP A 187 -2.94 -15.19 -11.20
N GLU A 188 -2.53 -16.40 -11.53
CA GLU A 188 -2.27 -16.78 -12.92
C GLU A 188 -3.47 -16.58 -13.83
N THR A 189 -4.65 -17.02 -13.39
CA THR A 189 -5.86 -16.87 -14.19
C THR A 189 -6.10 -15.40 -14.54
N LEU A 190 -5.90 -14.53 -13.56
CA LEU A 190 -6.12 -13.11 -13.75
C LEU A 190 -5.05 -12.44 -14.60
N ILE A 191 -3.79 -12.86 -14.44
CA ILE A 191 -2.70 -12.29 -15.23
C ILE A 191 -2.87 -12.67 -16.70
N ILE A 192 -3.21 -13.93 -16.96
CA ILE A 192 -3.39 -14.38 -18.34
C ILE A 192 -4.57 -13.61 -18.95
N ALA A 193 -5.59 -13.35 -18.14
CA ALA A 193 -6.77 -12.64 -18.58
C ALA A 193 -6.53 -11.15 -18.82
N ASN A 194 -5.62 -10.54 -18.06
CA ASN A 194 -5.34 -9.12 -18.26
C ASN A 194 -4.28 -8.87 -19.32
N ASP A 195 -3.81 -9.95 -19.94
CA ASP A 195 -2.84 -9.89 -21.01
C ASP A 195 -1.53 -9.17 -20.66
N ALA A 196 -1.06 -9.34 -19.44
CA ALA A 196 0.17 -8.71 -19.00
C ALA A 196 1.38 -9.42 -19.59
N THR A 197 2.45 -8.67 -19.82
CA THR A 197 3.69 -9.24 -20.34
C THR A 197 4.66 -9.33 -19.18
N LEU A 198 4.49 -8.44 -18.21
CA LEU A 198 5.38 -8.35 -17.05
C LEU A 198 4.66 -8.47 -15.72
N LYS A 199 5.37 -8.96 -14.70
CA LYS A 199 4.83 -9.17 -13.37
C LYS A 199 5.80 -8.61 -12.33
N ASP A 200 5.30 -7.77 -11.43
CA ASP A 200 6.16 -7.21 -10.39
C ASP A 200 5.41 -7.07 -9.07
N MET A 201 6.00 -6.34 -8.13
CA MET A 201 5.40 -6.18 -6.82
C MET A 201 5.15 -4.74 -6.36
N GLU A 202 5.39 -3.75 -7.23
CA GLU A 202 5.20 -2.36 -6.83
C GLU A 202 4.53 -1.43 -7.85
N GLY A 203 4.75 -1.68 -9.14
CA GLY A 203 4.25 -0.82 -10.19
C GLY A 203 2.89 -0.16 -10.09
N ALA A 204 1.84 -0.97 -9.96
CA ALA A 204 0.48 -0.43 -9.91
C ALA A 204 0.24 0.51 -8.74
N ALA A 205 0.98 0.30 -7.64
CA ALA A 205 0.81 1.13 -6.46
C ALA A 205 1.51 2.47 -6.68
N VAL A 206 2.66 2.44 -7.35
CA VAL A 206 3.37 3.67 -7.64
C VAL A 206 2.49 4.49 -8.58
N ALA A 207 1.87 3.82 -9.56
CA ALA A 207 0.99 4.51 -10.51
C ALA A 207 -0.23 5.09 -9.80
N TYR A 208 -0.76 4.36 -8.82
CA TYR A 208 -1.91 4.84 -8.07
C TYR A 208 -1.59 6.18 -7.40
N VAL A 209 -0.46 6.24 -6.70
CA VAL A 209 -0.08 7.47 -6.01
C VAL A 209 0.26 8.59 -6.98
N ALA A 210 0.97 8.27 -8.05
CA ALA A 210 1.33 9.27 -9.05
C ALA A 210 0.06 9.88 -9.64
N ASP A 211 -0.96 9.05 -9.86
CA ASP A 211 -2.21 9.56 -10.40
C ASP A 211 -2.92 10.45 -9.39
N LEU A 212 -2.91 10.06 -8.12
CA LEU A 212 -3.55 10.86 -7.08
C LEU A 212 -2.98 12.26 -7.01
N LEU A 213 -1.67 12.36 -7.18
CA LEU A 213 -0.98 13.65 -7.10
C LEU A 213 -0.66 14.25 -8.46
N LYS A 214 -1.26 13.69 -9.49
CA LYS A 214 -1.09 14.17 -10.87
C LYS A 214 0.35 14.35 -11.32
N ILE A 215 1.18 13.35 -11.08
CA ILE A 215 2.58 13.41 -11.49
C ILE A 215 2.80 12.34 -12.55
N PRO A 216 3.36 12.72 -13.71
CA PRO A 216 3.60 11.73 -14.78
C PRO A 216 4.52 10.62 -14.28
N VAL A 217 4.23 9.38 -14.66
CA VAL A 217 5.07 8.28 -14.23
C VAL A 217 5.40 7.33 -15.38
N VAL A 218 6.66 6.92 -15.43
CA VAL A 218 7.16 6.00 -16.45
C VAL A 218 7.77 4.80 -15.72
N PHE A 219 7.78 3.65 -16.38
CA PHE A 219 8.32 2.44 -15.78
C PHE A 219 9.39 1.79 -16.62
N LEU A 220 10.48 1.38 -15.98
CA LEU A 220 11.55 0.65 -16.65
C LEU A 220 11.59 -0.65 -15.88
N LYS A 221 11.21 -1.75 -16.53
CA LYS A 221 11.16 -3.04 -15.87
C LYS A 221 12.04 -4.05 -16.59
N ALA A 222 13.06 -4.52 -15.88
CA ALA A 222 14.03 -5.46 -16.42
C ALA A 222 13.70 -6.91 -16.02
N VAL A 223 13.55 -7.76 -17.03
CA VAL A 223 13.19 -9.16 -16.82
C VAL A 223 14.32 -10.03 -16.26
N THR A 224 14.10 -10.55 -15.07
CA THR A 224 15.07 -11.43 -14.41
C THR A 224 14.66 -12.90 -14.46
N ASP A 225 13.39 -13.16 -14.74
CA ASP A 225 12.92 -14.54 -14.78
C ASP A 225 11.70 -14.67 -15.67
N LEU A 226 11.51 -15.88 -16.20
CA LEU A 226 10.36 -16.15 -17.07
C LEU A 226 9.33 -16.95 -16.28
N VAL A 227 8.20 -16.32 -15.99
CA VAL A 227 7.14 -16.94 -15.22
C VAL A 227 6.60 -18.21 -15.87
N ASP A 228 6.63 -18.25 -17.19
CA ASP A 228 6.16 -19.42 -17.92
C ASP A 228 7.34 -20.23 -18.46
N GLY A 229 8.48 -20.08 -17.79
CA GLY A 229 9.69 -20.80 -18.18
C GLY A 229 9.77 -22.14 -17.47
N ASP A 230 10.99 -22.66 -17.30
CA ASP A 230 11.15 -23.96 -16.65
C ASP A 230 11.96 -23.94 -15.35
N LYS A 231 12.43 -22.76 -14.94
CA LYS A 231 13.19 -22.65 -13.70
C LYS A 231 12.32 -22.08 -12.58
N PRO A 232 12.66 -22.39 -11.32
CA PRO A 232 11.88 -21.87 -10.20
C PRO A 232 11.99 -20.34 -10.22
N THR A 233 10.90 -19.65 -9.89
CA THR A 233 10.89 -18.19 -9.93
C THR A 233 11.93 -17.53 -9.04
N ALA A 234 11.89 -17.82 -7.73
CA ALA A 234 12.84 -17.23 -6.81
C ALA A 234 14.27 -17.51 -7.23
N GLU A 235 14.54 -18.76 -7.61
CA GLU A 235 15.87 -19.18 -8.03
C GLU A 235 16.38 -18.39 -9.22
N GLU A 236 15.60 -18.35 -10.29
CA GLU A 236 16.01 -17.63 -11.50
C GLU A 236 16.08 -16.12 -11.26
N PHE A 237 15.14 -15.60 -10.49
CA PHE A 237 15.12 -14.18 -10.17
C PHE A 237 16.43 -13.74 -9.53
N LEU A 238 16.81 -14.42 -8.45
CA LEU A 238 18.04 -14.09 -7.73
C LEU A 238 19.30 -14.40 -8.54
N GLN A 239 19.23 -15.46 -9.35
CA GLN A 239 20.37 -15.86 -10.18
C GLN A 239 20.74 -14.78 -11.19
N ASN A 240 19.72 -14.11 -11.73
CA ASN A 240 19.93 -13.07 -12.73
C ASN A 240 19.88 -11.63 -12.20
N LEU A 241 19.62 -11.49 -10.91
CA LEU A 241 19.52 -10.18 -10.29
C LEU A 241 20.70 -9.25 -10.58
N THR A 242 21.91 -9.70 -10.27
CA THR A 242 23.09 -8.86 -10.49
C THR A 242 23.31 -8.43 -11.94
N VAL A 243 23.31 -9.39 -12.87
CA VAL A 243 23.52 -9.08 -14.28
C VAL A 243 22.42 -8.22 -14.90
N VAL A 244 21.17 -8.54 -14.60
CA VAL A 244 20.04 -7.79 -15.16
C VAL A 244 19.95 -6.37 -14.59
N THR A 245 20.34 -6.19 -13.33
CA THR A 245 20.29 -4.85 -12.74
C THR A 245 21.32 -3.97 -13.43
N ALA A 246 22.34 -4.58 -14.01
CA ALA A 246 23.36 -3.81 -14.73
C ALA A 246 22.74 -3.33 -16.04
N ALA A 247 21.93 -4.18 -16.65
CA ALA A 247 21.26 -3.85 -17.89
C ALA A 247 20.23 -2.74 -17.62
N LEU A 248 19.64 -2.80 -16.45
CA LEU A 248 18.64 -1.82 -16.05
C LEU A 248 19.31 -0.44 -15.93
N GLU A 249 20.50 -0.42 -15.35
CA GLU A 249 21.24 0.83 -15.20
C GLU A 249 21.53 1.44 -16.57
N GLY A 250 22.00 0.60 -17.50
CA GLY A 250 22.32 1.08 -18.82
C GLY A 250 21.16 1.80 -19.49
N THR A 251 19.98 1.20 -19.38
CA THR A 251 18.79 1.80 -19.97
C THR A 251 18.39 3.06 -19.20
N ALA A 252 18.43 2.99 -17.88
CA ALA A 252 18.07 4.13 -17.06
C ALA A 252 18.95 5.32 -17.40
N THR A 253 20.22 5.06 -17.66
CA THR A 253 21.15 6.12 -18.01
C THR A 253 20.78 6.75 -19.34
N LYS A 254 20.42 5.91 -20.31
CA LYS A 254 20.03 6.43 -21.62
C LYS A 254 18.74 7.24 -21.50
N VAL A 255 17.86 6.82 -20.60
CA VAL A 255 16.60 7.53 -20.41
C VAL A 255 16.88 8.91 -19.80
N ILE A 256 17.76 8.96 -18.82
CA ILE A 256 18.10 10.23 -18.18
C ILE A 256 18.70 11.20 -19.18
N ASN A 257 19.63 10.73 -20.00
CA ASN A 257 20.26 11.58 -20.99
C ASN A 257 19.29 12.03 -22.08
N PHE A 258 18.24 11.24 -22.31
CA PHE A 258 17.24 11.58 -23.31
C PHE A 258 16.33 12.68 -22.76
N ILE A 259 15.91 12.51 -21.51
CA ILE A 259 15.02 13.48 -20.85
C ILE A 259 15.66 14.86 -20.68
N ASN A 260 16.96 14.88 -20.40
CA ASN A 260 17.66 16.14 -20.19
C ASN A 260 17.45 17.12 -21.33
N GLY A 261 17.10 18.36 -20.97
CA GLY A 261 16.88 19.40 -21.95
C GLY A 261 15.49 19.39 -22.60
N ARG A 262 14.74 18.31 -22.37
CA ARG A 262 13.41 18.19 -22.95
C ARG A 262 12.33 18.55 -21.95
N ASN A 263 11.16 18.93 -22.45
CA ASN A 263 10.03 19.23 -21.57
C ASN A 263 9.11 18.02 -21.70
N LEU A 264 8.17 17.88 -20.77
CA LEU A 264 7.25 16.75 -20.79
C LEU A 264 6.63 16.40 -22.13
N SER A 265 6.31 17.42 -22.93
CA SER A 265 5.69 17.19 -24.22
C SER A 265 6.67 16.65 -25.28
N ASP A 266 7.97 16.78 -25.03
CA ASP A 266 8.98 16.31 -25.98
C ASP A 266 9.40 14.86 -25.74
N LEU A 267 8.82 14.22 -24.72
CA LEU A 267 9.17 12.84 -24.39
C LEU A 267 8.68 11.77 -25.35
N ARG B 24 1.58 12.37 31.13
CA ARG B 24 0.41 13.11 30.55
C ARG B 24 -0.55 12.15 29.87
N PRO B 25 -1.86 12.37 30.04
CA PRO B 25 -2.89 11.51 29.43
C PRO B 25 -3.05 11.72 27.93
N ILE B 26 -3.63 10.72 27.28
CA ILE B 26 -3.88 10.75 25.85
C ILE B 26 -4.72 11.99 25.56
N SER B 27 -4.41 12.70 24.48
CA SER B 27 -5.16 13.91 24.16
C SER B 27 -5.62 13.99 22.70
N SER B 28 -5.06 13.13 21.85
CA SER B 28 -5.43 13.15 20.44
C SER B 28 -5.58 11.74 19.88
N VAL B 29 -6.72 11.49 19.24
CA VAL B 29 -7.00 10.19 18.65
C VAL B 29 -7.39 10.34 17.19
N VAL B 30 -6.83 9.48 16.35
CA VAL B 30 -7.14 9.49 14.93
C VAL B 30 -7.75 8.14 14.57
N PHE B 31 -8.95 8.19 13.98
CA PHE B 31 -9.62 6.97 13.51
C PHE B 31 -9.30 6.84 12.03
N VAL B 32 -8.83 5.66 11.62
CA VAL B 32 -8.55 5.40 10.20
C VAL B 32 -9.69 4.47 9.81
N ILE B 33 -10.57 4.96 8.93
CA ILE B 33 -11.73 4.20 8.50
C ILE B 33 -11.82 4.19 6.97
N ALA B 34 -11.93 2.98 6.42
CA ALA B 34 -11.95 2.81 4.97
C ALA B 34 -13.20 3.23 4.21
N MET B 35 -14.36 3.05 4.81
CA MET B 35 -15.61 3.38 4.12
C MET B 35 -16.41 4.50 4.76
N GLN B 36 -17.00 5.34 3.90
CA GLN B 36 -17.82 6.44 4.37
C GLN B 36 -18.95 5.88 5.23
N ALA B 37 -19.49 4.75 4.82
CA ALA B 37 -20.59 4.11 5.56
C ALA B 37 -20.19 3.74 6.98
N GLU B 38 -18.91 3.44 7.17
CA GLU B 38 -18.41 3.07 8.50
C GLU B 38 -18.12 4.33 9.32
N ALA B 39 -17.69 5.39 8.65
CA ALA B 39 -17.33 6.63 9.32
C ALA B 39 -18.49 7.54 9.73
N LEU B 40 -19.47 7.70 8.84
CA LEU B 40 -20.63 8.56 9.09
C LEU B 40 -21.27 8.41 10.48
N PRO B 41 -21.58 7.17 10.89
CA PRO B 41 -22.20 7.01 12.21
C PRO B 41 -21.37 7.63 13.34
N LEU B 42 -20.05 7.52 13.23
CA LEU B 42 -19.16 8.07 14.24
C LEU B 42 -19.08 9.59 14.11
N VAL B 43 -19.08 10.06 12.87
CA VAL B 43 -19.02 11.50 12.62
C VAL B 43 -20.23 12.18 13.25
N ASN B 44 -21.41 11.58 13.11
CA ASN B 44 -22.62 12.17 13.68
C ASN B 44 -22.61 12.09 15.20
N LYS B 45 -22.31 10.91 15.72
CA LYS B 45 -22.30 10.71 17.17
C LYS B 45 -21.48 11.77 17.90
N PHE B 46 -20.28 12.06 17.40
CA PHE B 46 -19.42 13.05 18.04
C PHE B 46 -19.49 14.45 17.43
N GLY B 47 -20.42 14.64 16.50
CA GLY B 47 -20.59 15.93 15.87
C GLY B 47 -19.32 16.47 15.22
N LEU B 48 -18.66 15.62 14.44
CA LEU B 48 -17.43 16.01 13.78
C LEU B 48 -17.76 16.81 12.52
N SER B 49 -16.81 17.63 12.09
CA SER B 49 -16.98 18.46 10.90
C SER B 49 -15.95 18.12 9.85
N GLU B 50 -16.34 18.18 8.59
CA GLU B 50 -15.44 17.88 7.49
C GLU B 50 -14.43 19.01 7.33
N THR B 51 -13.15 18.66 7.40
CA THR B 51 -12.07 19.64 7.26
C THR B 51 -12.11 20.22 5.86
N THR B 52 -11.80 21.52 5.74
CA THR B 52 -11.85 22.19 4.44
C THR B 52 -10.52 22.70 3.90
N ASP B 53 -9.46 22.63 4.69
CA ASP B 53 -8.18 23.14 4.21
C ASP B 53 -7.18 22.10 3.70
N SER B 54 -7.70 20.96 3.24
CA SER B 54 -6.86 19.89 2.69
C SER B 54 -5.50 19.75 3.38
N PRO B 55 -5.50 19.53 4.71
CA PRO B 55 -4.28 19.38 5.50
C PRO B 55 -3.35 18.21 5.15
N LEU B 56 -3.87 17.20 4.47
CA LEU B 56 -3.05 16.05 4.12
C LEU B 56 -2.44 16.19 2.74
N GLY B 57 -2.88 17.20 2.00
CA GLY B 57 -2.37 17.41 0.66
C GLY B 57 -3.45 17.95 -0.26
N LYS B 58 -3.06 18.78 -1.22
CA LYS B 58 -4.03 19.35 -2.14
C LYS B 58 -4.41 18.40 -3.27
N GLY B 59 -5.66 18.48 -3.69
CA GLY B 59 -6.14 17.64 -4.78
C GLY B 59 -6.42 16.18 -4.45
N LEU B 60 -6.34 15.82 -3.18
CA LEU B 60 -6.57 14.44 -2.76
C LEU B 60 -8.05 14.19 -2.44
N PRO B 61 -8.52 12.96 -2.69
CA PRO B 61 -9.92 12.58 -2.42
C PRO B 61 -10.18 12.25 -0.95
N TRP B 62 -9.11 12.19 -0.17
CA TRP B 62 -9.22 11.87 1.25
C TRP B 62 -10.14 12.81 2.00
N VAL B 63 -10.86 12.26 2.95
CA VAL B 63 -11.78 13.07 3.75
C VAL B 63 -11.37 13.02 5.20
N LEU B 64 -11.27 14.19 5.83
CA LEU B 64 -10.87 14.27 7.23
C LEU B 64 -11.96 14.98 8.02
N TYR B 65 -12.49 14.31 9.04
CA TYR B 65 -13.51 14.90 9.90
C TYR B 65 -12.84 15.21 11.23
N HIS B 66 -13.09 16.41 11.76
CA HIS B 66 -12.47 16.80 13.02
C HIS B 66 -13.48 17.27 14.05
N GLY B 67 -13.14 17.06 15.33
CA GLY B 67 -14.01 17.44 16.42
C GLY B 67 -13.27 17.32 17.73
N VAL B 68 -14.01 17.46 18.84
CA VAL B 68 -13.43 17.38 20.17
C VAL B 68 -14.42 16.87 21.20
N HIS B 69 -14.22 15.63 21.66
CA HIS B 69 -15.09 15.04 22.67
C HIS B 69 -14.38 15.10 24.01
N LYS B 70 -14.98 15.79 24.97
CA LYS B 70 -14.39 15.95 26.29
C LYS B 70 -12.99 16.56 26.17
N ASP B 71 -11.99 15.87 26.73
CA ASP B 71 -10.62 16.36 26.69
C ASP B 71 -9.83 15.71 25.56
N LEU B 72 -10.55 15.22 24.55
CA LEU B 72 -9.89 14.55 23.42
C LEU B 72 -10.15 15.22 22.07
N ARG B 73 -9.09 15.33 21.29
CA ARG B 73 -9.20 15.87 19.94
C ARG B 73 -9.50 14.62 19.13
N ILE B 74 -10.54 14.67 18.30
CA ILE B 74 -10.90 13.50 17.51
C ILE B 74 -10.89 13.78 16.02
N ASN B 75 -10.15 12.95 15.29
CA ASN B 75 -10.09 13.08 13.85
C ASN B 75 -10.42 11.73 13.24
N VAL B 76 -11.15 11.75 12.14
CA VAL B 76 -11.49 10.53 11.42
C VAL B 76 -11.02 10.77 10.00
N VAL B 77 -10.15 9.90 9.51
CA VAL B 77 -9.65 10.05 8.14
C VAL B 77 -10.10 8.86 7.30
N CYS B 78 -10.58 9.17 6.10
CA CYS B 78 -11.08 8.17 5.15
C CYS B 78 -10.37 8.37 3.82
N PRO B 79 -10.15 7.28 3.06
CA PRO B 79 -9.49 7.40 1.76
C PRO B 79 -10.34 8.06 0.69
N GLY B 80 -11.63 8.19 0.96
CA GLY B 80 -12.52 8.84 0.02
C GLY B 80 -12.87 8.04 -1.23
N ARG B 81 -13.57 8.70 -2.14
CA ARG B 81 -14.01 8.07 -3.38
C ARG B 81 -12.96 7.98 -4.47
N ASP B 82 -12.96 6.86 -5.18
CA ASP B 82 -12.03 6.66 -6.28
C ASP B 82 -12.49 7.64 -7.36
N ALA B 83 -11.55 8.37 -7.95
CA ALA B 83 -11.89 9.35 -8.98
C ALA B 83 -12.59 8.76 -10.21
N ALA B 84 -12.17 7.57 -10.61
CA ALA B 84 -12.74 6.92 -11.79
C ALA B 84 -14.04 6.16 -11.56
N LEU B 85 -14.15 5.46 -10.43
CA LEU B 85 -15.33 4.67 -10.15
C LEU B 85 -16.38 5.34 -9.26
N GLY B 86 -15.94 5.97 -8.18
CA GLY B 86 -16.89 6.65 -7.31
C GLY B 86 -17.23 5.89 -6.04
N ILE B 87 -16.52 4.80 -5.77
CA ILE B 87 -16.74 4.02 -4.56
C ILE B 87 -15.56 4.19 -3.62
N ASP B 88 -15.72 3.76 -2.37
CA ASP B 88 -14.67 3.88 -1.37
C ASP B 88 -13.37 3.22 -1.83
N SER B 89 -12.26 3.92 -1.62
CA SER B 89 -10.95 3.41 -2.00
C SER B 89 -10.42 2.48 -0.90
N VAL B 90 -11.00 1.28 -0.85
CA VAL B 90 -10.61 0.30 0.15
C VAL B 90 -9.27 -0.35 -0.16
N GLY B 91 -8.74 -1.13 0.78
CA GLY B 91 -7.48 -1.79 0.51
C GLY B 91 -6.30 -1.25 1.29
N THR B 92 -5.20 -2.00 1.24
CA THR B 92 -4.01 -1.65 1.98
C THR B 92 -3.26 -0.40 1.54
N VAL B 93 -3.17 -0.15 0.24
CA VAL B 93 -2.44 1.03 -0.21
C VAL B 93 -3.08 2.34 0.27
N PRO B 94 -4.38 2.57 0.01
CA PRO B 94 -4.96 3.83 0.49
C PRO B 94 -4.94 3.94 2.04
N ALA B 95 -5.18 2.82 2.71
CA ALA B 95 -5.17 2.83 4.17
C ALA B 95 -3.80 3.23 4.68
N SER B 96 -2.75 2.68 4.08
CA SER B 96 -1.40 3.01 4.53
C SER B 96 -1.09 4.49 4.29
N LEU B 97 -1.52 5.01 3.14
CA LEU B 97 -1.28 6.41 2.80
C LEU B 97 -1.93 7.38 3.77
N ILE B 98 -3.22 7.19 4.05
CA ILE B 98 -3.91 8.11 4.94
C ILE B 98 -3.42 7.98 6.38
N THR B 99 -2.95 6.79 6.75
CA THR B 99 -2.42 6.58 8.09
C THR B 99 -1.13 7.38 8.20
N PHE B 100 -0.29 7.26 7.19
CA PHE B 100 0.98 7.97 7.14
C PHE B 100 0.77 9.49 7.17
N ALA B 101 -0.06 9.98 6.25
CA ALA B 101 -0.30 11.40 6.14
C ALA B 101 -0.95 12.00 7.38
N SER B 102 -1.92 11.29 7.97
CA SER B 102 -2.59 11.82 9.15
C SER B 102 -1.67 11.83 10.36
N ILE B 103 -0.78 10.85 10.48
CA ILE B 103 0.15 10.82 11.61
C ILE B 103 1.13 11.99 11.53
N GLN B 104 1.70 12.19 10.35
CA GLN B 104 2.67 13.27 10.17
C GLN B 104 2.06 14.65 10.37
N ALA B 105 0.81 14.81 9.98
CA ALA B 105 0.12 16.08 10.10
C ALA B 105 -0.49 16.35 11.47
N LEU B 106 -1.13 15.33 12.05
CA LEU B 106 -1.81 15.48 13.33
C LEU B 106 -1.04 15.04 14.57
N LYS B 107 -0.03 14.19 14.39
CA LYS B 107 0.77 13.70 15.51
C LYS B 107 -0.12 13.18 16.64
N PRO B 108 -1.01 12.21 16.33
CA PRO B 108 -1.90 11.66 17.36
C PRO B 108 -1.15 10.84 18.40
N ASP B 109 -1.79 10.61 19.54
CA ASP B 109 -1.19 9.83 20.60
C ASP B 109 -1.49 8.37 20.34
N ILE B 110 -2.60 8.11 19.64
CA ILE B 110 -3.01 6.76 19.34
C ILE B 110 -3.87 6.72 18.07
N ILE B 111 -3.81 5.60 17.35
CA ILE B 111 -4.58 5.43 16.14
C ILE B 111 -5.58 4.30 16.38
N ILE B 112 -6.78 4.45 15.86
CA ILE B 112 -7.77 3.39 15.99
C ILE B 112 -8.27 3.07 14.59
N ASN B 113 -7.99 1.86 14.13
CA ASN B 113 -8.45 1.42 12.81
C ASN B 113 -9.78 0.74 13.09
N ALA B 114 -10.88 1.40 12.71
CA ALA B 114 -12.22 0.87 12.95
C ALA B 114 -12.89 0.54 11.63
N GLY B 115 -13.52 -0.62 11.55
CA GLY B 115 -14.20 -0.99 10.34
C GLY B 115 -14.85 -2.36 10.42
N THR B 116 -15.47 -2.75 9.31
CA THR B 116 -16.14 -4.04 9.22
C THR B 116 -15.15 -5.11 8.80
N CYS B 117 -15.48 -6.37 9.05
CA CYS B 117 -14.60 -7.46 8.69
C CYS B 117 -15.35 -8.76 8.58
N GLY B 118 -14.65 -9.78 8.09
CA GLY B 118 -15.23 -11.10 7.99
C GLY B 118 -14.80 -11.81 9.26
N GLY B 119 -15.58 -12.80 9.69
CA GLY B 119 -15.21 -13.52 10.89
C GLY B 119 -15.36 -15.02 10.73
N PHE B 120 -14.66 -15.78 11.55
CA PHE B 120 -14.73 -17.25 11.50
C PHE B 120 -15.57 -17.76 12.67
N LYS B 121 -16.70 -18.37 12.34
CA LYS B 121 -17.62 -18.93 13.33
C LYS B 121 -16.90 -19.91 14.26
N VAL B 122 -16.10 -20.80 13.68
CA VAL B 122 -15.38 -21.80 14.46
C VAL B 122 -14.45 -21.14 15.48
N LYS B 123 -14.10 -19.88 15.22
CA LYS B 123 -13.22 -19.14 16.11
C LYS B 123 -14.00 -18.35 17.16
N GLY B 124 -15.32 -18.48 17.14
CA GLY B 124 -16.14 -17.78 18.11
C GLY B 124 -16.75 -16.48 17.64
N ALA B 125 -16.49 -16.11 16.38
CA ALA B 125 -17.03 -14.87 15.85
C ALA B 125 -18.47 -14.99 15.41
N ASN B 126 -19.27 -13.97 15.73
CA ASN B 126 -20.68 -13.94 15.35
C ASN B 126 -20.97 -12.61 14.67
N ILE B 127 -21.96 -12.60 13.79
CA ILE B 127 -22.34 -11.38 13.10
C ILE B 127 -22.69 -10.34 14.16
N GLY B 128 -22.18 -9.12 13.98
CA GLY B 128 -22.47 -8.06 14.93
C GLY B 128 -21.42 -7.87 16.01
N ASP B 129 -20.56 -8.87 16.21
CA ASP B 129 -19.52 -8.74 17.23
C ASP B 129 -18.52 -7.66 16.84
N VAL B 130 -18.14 -6.84 17.82
CA VAL B 130 -17.13 -5.81 17.57
C VAL B 130 -15.93 -6.27 18.38
N PHE B 131 -14.91 -6.74 17.65
CA PHE B 131 -13.68 -7.26 18.21
C PHE B 131 -12.55 -6.26 18.40
N LEU B 132 -11.72 -6.56 19.39
CA LEU B 132 -10.52 -5.78 19.65
C LEU B 132 -9.53 -6.75 18.98
N VAL B 133 -8.38 -6.28 18.53
CA VAL B 133 -7.42 -7.16 17.89
C VAL B 133 -6.15 -7.36 18.71
N SER B 134 -5.71 -8.60 18.82
CA SER B 134 -4.50 -8.93 19.58
C SER B 134 -3.29 -8.61 18.71
N ASP B 135 -3.21 -9.26 17.56
CA ASP B 135 -2.13 -9.02 16.62
C ASP B 135 -2.69 -9.14 15.21
N VAL B 136 -1.90 -8.71 14.24
CA VAL B 136 -2.35 -8.75 12.86
C VAL B 136 -1.26 -9.27 11.92
N VAL B 137 -1.69 -9.86 10.81
CA VAL B 137 -0.77 -10.38 9.81
C VAL B 137 -1.38 -10.21 8.43
N PHE B 138 -0.58 -10.45 7.39
CA PHE B 138 -1.04 -10.39 6.00
C PHE B 138 -1.10 -11.84 5.54
N HIS B 139 -2.08 -12.19 4.72
CA HIS B 139 -2.14 -13.55 4.19
C HIS B 139 -1.92 -13.59 2.69
N ASP B 140 -1.67 -12.43 2.08
CA ASP B 140 -1.47 -12.40 0.63
C ASP B 140 -0.18 -11.76 0.15
N ARG B 141 0.83 -11.76 1.00
CA ARG B 141 2.14 -11.23 0.60
C ARG B 141 3.09 -12.43 0.76
N ARG B 142 3.05 -13.31 -0.23
CA ARG B 142 3.85 -14.53 -0.23
C ARG B 142 5.19 -14.36 -0.96
N ILE B 143 6.28 -14.40 -0.20
CA ILE B 143 7.61 -14.26 -0.80
C ILE B 143 8.49 -15.41 -0.29
N PRO B 144 8.69 -16.44 -1.13
CA PRO B 144 9.49 -17.62 -0.80
C PRO B 144 11.00 -17.44 -0.72
N ILE B 145 11.44 -16.47 0.08
CA ILE B 145 12.85 -16.19 0.29
C ILE B 145 13.00 -16.03 1.81
N PRO B 146 13.92 -16.80 2.43
CA PRO B 146 14.24 -16.86 3.86
C PRO B 146 13.73 -15.82 4.86
N MET B 147 14.08 -14.56 4.65
CA MET B 147 13.68 -13.48 5.55
C MET B 147 12.51 -12.68 4.98
N PHE B 148 12.44 -12.62 3.65
CA PHE B 148 11.35 -11.91 2.99
C PHE B 148 10.02 -12.55 3.32
N ASP B 149 10.04 -13.86 3.57
CA ASP B 149 8.82 -14.57 3.89
C ASP B 149 8.18 -14.02 5.16
N LEU B 150 8.96 -13.92 6.24
CA LEU B 150 8.46 -13.38 7.50
C LEU B 150 8.07 -11.91 7.32
N TYR B 151 8.76 -11.23 6.40
CA TYR B 151 8.47 -9.83 6.14
C TYR B 151 7.09 -9.69 5.50
N GLY B 152 6.81 -10.56 4.53
CA GLY B 152 5.52 -10.52 3.86
C GLY B 152 4.36 -10.76 4.81
N VAL B 153 4.56 -11.68 5.76
CA VAL B 153 3.50 -11.98 6.72
C VAL B 153 3.26 -10.76 7.61
N GLY B 154 4.34 -10.07 7.96
CA GLY B 154 4.25 -8.87 8.76
C GLY B 154 3.52 -8.97 10.08
N LEU B 155 3.81 -10.01 10.84
CA LEU B 155 3.17 -10.21 12.14
C LEU B 155 3.47 -9.02 13.03
N ARG B 156 2.42 -8.38 13.54
CA ARG B 156 2.59 -7.23 14.42
C ARG B 156 1.55 -7.22 15.53
N GLN B 157 1.99 -6.92 16.74
CA GLN B 157 1.08 -6.89 17.88
C GLN B 157 0.40 -5.53 17.97
N ALA B 158 -0.88 -5.53 18.28
CA ALA B 158 -1.63 -4.28 18.45
C ALA B 158 -1.24 -3.77 19.83
N PHE B 159 -1.50 -2.49 20.08
CA PHE B 159 -1.18 -1.92 21.37
C PHE B 159 -2.04 -2.63 22.41
N SER B 160 -1.42 -3.15 23.46
CA SER B 160 -2.16 -3.85 24.50
C SER B 160 -3.01 -2.91 25.35
N THR B 161 -4.30 -3.22 25.43
CA THR B 161 -5.24 -2.43 26.21
C THR B 161 -6.06 -3.38 27.09
N PRO B 162 -5.42 -4.01 28.08
CA PRO B 162 -6.08 -4.94 28.99
C PRO B 162 -7.26 -4.40 29.77
N ASN B 163 -7.16 -3.17 30.25
CA ASN B 163 -8.26 -2.60 31.01
C ASN B 163 -9.46 -2.29 30.13
N LEU B 164 -9.21 -1.80 28.93
CA LEU B 164 -10.28 -1.48 27.99
C LEU B 164 -11.03 -2.76 27.66
N LEU B 165 -10.28 -3.81 27.33
CA LEU B 165 -10.84 -5.10 26.99
C LEU B 165 -11.73 -5.64 28.12
N LYS B 166 -11.21 -5.56 29.35
CA LYS B 166 -11.92 -6.03 30.53
C LYS B 166 -13.19 -5.23 30.82
N GLU B 167 -13.05 -3.91 30.89
CA GLU B 167 -14.16 -3.01 31.20
C GLU B 167 -15.29 -3.04 30.19
N LEU B 168 -14.95 -3.05 28.90
CA LEU B 168 -15.96 -3.07 27.86
C LEU B 168 -16.37 -4.48 27.47
N ASN B 169 -15.69 -5.47 28.05
CA ASN B 169 -15.94 -6.87 27.78
C ASN B 169 -16.07 -7.12 26.28
N LEU B 170 -14.97 -6.89 25.57
CA LEU B 170 -14.95 -7.10 24.14
C LEU B 170 -14.26 -8.40 23.79
N LYS B 171 -14.63 -8.97 22.65
CA LYS B 171 -13.97 -10.19 22.21
C LYS B 171 -12.65 -9.74 21.62
N ILE B 172 -11.69 -10.65 21.54
CA ILE B 172 -10.39 -10.31 20.96
C ILE B 172 -9.90 -11.47 20.11
N GLY B 173 -9.12 -11.16 19.09
CA GLY B 173 -8.60 -12.20 18.23
C GLY B 173 -7.61 -11.66 17.23
N ARG B 174 -6.96 -12.57 16.51
CA ARG B 174 -5.99 -12.17 15.50
C ARG B 174 -6.69 -11.81 14.20
N LEU B 175 -6.17 -10.77 13.55
CA LEU B 175 -6.71 -10.27 12.28
C LEU B 175 -5.76 -10.61 11.13
N SER B 176 -6.32 -11.06 10.02
CA SER B 176 -5.53 -11.39 8.83
C SER B 176 -6.00 -10.48 7.69
N THR B 177 -5.04 -9.73 7.14
CA THR B 177 -5.30 -8.77 6.08
C THR B 177 -4.87 -9.19 4.70
N GLY B 178 -5.68 -8.84 3.70
CA GLY B 178 -5.38 -9.14 2.32
C GLY B 178 -6.16 -8.16 1.46
N ASP B 179 -5.73 -7.93 0.23
CA ASP B 179 -6.44 -7.00 -0.62
C ASP B 179 -7.61 -7.55 -1.41
N SER B 180 -7.98 -8.79 -1.11
CA SER B 180 -9.12 -9.41 -1.79
C SER B 180 -10.27 -9.61 -0.80
N LEU B 181 -11.50 -9.39 -1.27
CA LEU B 181 -12.68 -9.56 -0.43
C LEU B 181 -13.05 -11.04 -0.37
N ASP B 182 -12.75 -11.78 -1.43
CA ASP B 182 -13.02 -13.21 -1.46
C ASP B 182 -11.87 -13.92 -0.76
N MET B 183 -11.84 -15.24 -0.83
CA MET B 183 -10.77 -16.01 -0.19
C MET B 183 -10.37 -17.14 -1.12
N SER B 184 -9.18 -17.06 -1.70
CA SER B 184 -8.71 -18.09 -2.60
C SER B 184 -8.29 -19.31 -1.78
N THR B 185 -8.04 -20.41 -2.46
CA THR B 185 -7.63 -21.63 -1.78
C THR B 185 -6.34 -21.36 -1.02
N GLN B 186 -5.41 -20.66 -1.68
CA GLN B 186 -4.14 -20.32 -1.07
C GLN B 186 -4.34 -19.40 0.12
N ASP B 187 -5.21 -18.41 -0.01
CA ASP B 187 -5.48 -17.49 1.09
C ASP B 187 -5.97 -18.28 2.30
N GLU B 188 -6.95 -19.14 2.07
CA GLU B 188 -7.52 -19.94 3.15
C GLU B 188 -6.49 -20.80 3.86
N THR B 189 -5.62 -21.46 3.11
CA THR B 189 -4.61 -22.30 3.72
C THR B 189 -3.77 -21.49 4.70
N LEU B 190 -3.34 -20.30 4.27
CA LEU B 190 -2.52 -19.44 5.12
C LEU B 190 -3.27 -18.81 6.29
N ILE B 191 -4.53 -18.47 6.08
CA ILE B 191 -5.34 -17.88 7.14
C ILE B 191 -5.58 -18.91 8.25
N ILE B 192 -5.88 -20.13 7.85
CA ILE B 192 -6.11 -21.20 8.81
C ILE B 192 -4.83 -21.42 9.60
N ALA B 193 -3.70 -21.35 8.90
CA ALA B 193 -2.39 -21.55 9.51
C ALA B 193 -2.01 -20.48 10.54
N ASN B 194 -2.37 -19.23 10.27
CA ASN B 194 -2.05 -18.15 11.21
C ASN B 194 -3.09 -18.00 12.30
N ASP B 195 -4.09 -18.88 12.29
CA ASP B 195 -5.15 -18.91 13.30
C ASP B 195 -5.93 -17.62 13.53
N ALA B 196 -6.17 -16.87 12.46
CA ALA B 196 -6.91 -15.63 12.61
C ALA B 196 -8.39 -15.85 12.87
N THR B 197 -9.00 -14.94 13.61
CA THR B 197 -10.42 -15.02 13.90
C THR B 197 -11.13 -14.06 12.96
N LEU B 198 -10.40 -13.04 12.50
CA LEU B 198 -10.96 -12.00 11.65
C LEU B 198 -10.20 -11.83 10.35
N LYS B 199 -10.91 -11.38 9.31
CA LYS B 199 -10.34 -11.17 7.99
C LYS B 199 -10.76 -9.78 7.47
N ASP B 200 -9.79 -8.97 7.03
CA ASP B 200 -10.12 -7.65 6.51
C ASP B 200 -9.21 -7.26 5.36
N MET B 201 -9.26 -5.99 4.96
CA MET B 201 -8.45 -5.54 3.83
C MET B 201 -7.52 -4.36 4.11
N GLU B 202 -7.40 -3.93 5.37
CA GLU B 202 -6.52 -2.79 5.68
C GLU B 202 -5.63 -2.92 6.92
N GLY B 203 -6.13 -3.60 7.94
CA GLY B 203 -5.45 -3.74 9.22
C GLY B 203 -3.93 -3.86 9.31
N ALA B 204 -3.39 -4.91 8.71
CA ALA B 204 -1.95 -5.15 8.76
C ALA B 204 -1.15 -3.98 8.17
N ALA B 205 -1.74 -3.30 7.18
CA ALA B 205 -1.07 -2.17 6.55
C ALA B 205 -1.07 -0.96 7.48
N VAL B 206 -2.18 -0.76 8.19
CA VAL B 206 -2.24 0.35 9.14
C VAL B 206 -1.22 0.10 10.23
N ALA B 207 -1.10 -1.15 10.66
CA ALA B 207 -0.14 -1.51 11.71
C ALA B 207 1.29 -1.32 11.25
N TYR B 208 1.57 -1.62 9.99
CA TYR B 208 2.90 -1.45 9.43
C TYR B 208 3.31 0.03 9.52
N VAL B 209 2.42 0.91 9.09
CA VAL B 209 2.71 2.34 9.12
C VAL B 209 2.82 2.86 10.54
N ALA B 210 1.92 2.45 11.42
CA ALA B 210 1.95 2.88 12.81
C ALA B 210 3.27 2.46 13.45
N ASP B 211 3.76 1.29 13.06
CA ASP B 211 5.02 0.76 13.57
C ASP B 211 6.17 1.65 13.08
N LEU B 212 6.18 1.93 11.77
CA LEU B 212 7.22 2.78 11.21
C LEU B 212 7.32 4.13 11.91
N LEU B 213 6.16 4.70 12.25
CA LEU B 213 6.12 6.01 12.90
C LEU B 213 5.98 5.95 14.42
N LYS B 214 6.13 4.75 14.98
CA LYS B 214 6.04 4.53 16.42
C LYS B 214 4.81 5.12 17.10
N ILE B 215 3.64 4.83 16.54
CA ILE B 215 2.39 5.31 17.11
C ILE B 215 1.55 4.09 17.51
N PRO B 216 1.09 4.04 18.77
CA PRO B 216 0.29 2.91 19.22
C PRO B 216 -0.98 2.78 18.36
N VAL B 217 -1.33 1.56 17.98
CA VAL B 217 -2.53 1.36 17.18
C VAL B 217 -3.42 0.28 17.80
N VAL B 218 -4.73 0.55 17.78
CA VAL B 218 -5.70 -0.40 18.29
C VAL B 218 -6.73 -0.58 17.18
N PHE B 219 -7.38 -1.74 17.16
CA PHE B 219 -8.36 -2.02 16.12
C PHE B 219 -9.72 -2.39 16.68
N LEU B 220 -10.77 -1.93 16.01
CA LEU B 220 -12.14 -2.25 16.35
C LEU B 220 -12.69 -2.81 15.05
N LYS B 221 -12.92 -4.12 15.03
CA LYS B 221 -13.40 -4.78 13.81
C LYS B 221 -14.76 -5.43 14.04
N ALA B 222 -15.74 -4.97 13.29
CA ALA B 222 -17.13 -5.44 13.42
C ALA B 222 -17.46 -6.47 12.33
N VAL B 223 -17.84 -7.67 12.77
CA VAL B 223 -18.17 -8.77 11.87
C VAL B 223 -19.47 -8.61 11.09
N THR B 224 -19.36 -8.52 9.77
CA THR B 224 -20.52 -8.37 8.89
C THR B 224 -20.87 -9.65 8.16
N ASP B 225 -19.93 -10.59 8.14
CA ASP B 225 -20.15 -11.86 7.44
C ASP B 225 -19.27 -12.96 8.02
N LEU B 226 -19.70 -14.21 7.85
CA LEU B 226 -18.94 -15.35 8.35
C LEU B 226 -18.27 -16.04 7.17
N VAL B 227 -16.94 -15.94 7.12
CA VAL B 227 -16.16 -16.53 6.04
C VAL B 227 -16.36 -18.04 5.92
N ASP B 228 -16.60 -18.70 7.05
CA ASP B 228 -16.82 -20.14 7.05
C ASP B 228 -18.31 -20.44 7.17
N GLY B 229 -19.12 -19.47 6.77
CA GLY B 229 -20.57 -19.65 6.82
C GLY B 229 -21.09 -20.24 5.53
N ASP B 230 -22.38 -20.06 5.26
CA ASP B 230 -22.98 -20.61 4.04
C ASP B 230 -23.40 -19.53 3.05
N LYS B 231 -23.70 -18.33 3.55
CA LYS B 231 -24.13 -17.23 2.69
C LYS B 231 -22.95 -16.64 1.91
N PRO B 232 -23.24 -16.05 0.74
CA PRO B 232 -22.17 -15.44 -0.07
C PRO B 232 -21.55 -14.28 0.70
N THR B 233 -20.22 -14.19 0.66
CA THR B 233 -19.51 -13.12 1.37
C THR B 233 -20.04 -11.74 1.01
N ALA B 234 -20.00 -11.41 -0.27
CA ALA B 234 -20.46 -10.11 -0.75
C ALA B 234 -21.89 -9.79 -0.33
N GLU B 235 -22.80 -10.74 -0.54
CA GLU B 235 -24.20 -10.54 -0.19
C GLU B 235 -24.43 -10.30 1.30
N GLU B 236 -23.85 -11.16 2.13
CA GLU B 236 -24.01 -11.03 3.57
C GLU B 236 -23.40 -9.71 4.07
N PHE B 237 -22.24 -9.36 3.51
CA PHE B 237 -21.56 -8.13 3.87
C PHE B 237 -22.48 -6.92 3.68
N LEU B 238 -22.99 -6.77 2.46
CA LEU B 238 -23.87 -5.65 2.13
C LEU B 238 -25.16 -5.66 2.95
N GLN B 239 -25.69 -6.86 3.20
CA GLN B 239 -26.92 -7.02 3.96
C GLN B 239 -26.80 -6.54 5.41
N ASN B 240 -25.65 -6.77 6.03
CA ASN B 240 -25.44 -6.39 7.42
C ASN B 240 -24.67 -5.09 7.64
N LEU B 241 -24.15 -4.50 6.57
CA LEU B 241 -23.36 -3.27 6.67
C LEU B 241 -24.00 -2.19 7.54
N THR B 242 -25.25 -1.82 7.24
CA THR B 242 -25.94 -0.78 7.98
C THR B 242 -26.07 -1.02 9.49
N VAL B 243 -26.63 -2.17 9.88
CA VAL B 243 -26.80 -2.46 11.29
C VAL B 243 -25.47 -2.68 12.02
N VAL B 244 -24.52 -3.32 11.35
CA VAL B 244 -23.22 -3.57 11.96
C VAL B 244 -22.38 -2.31 12.15
N THR B 245 -22.46 -1.37 11.21
CA THR B 245 -21.69 -0.13 11.38
C THR B 245 -22.28 0.67 12.55
N ALA B 246 -23.56 0.47 12.82
CA ALA B 246 -24.21 1.16 13.93
C ALA B 246 -23.63 0.56 15.21
N ALA B 247 -23.42 -0.75 15.21
CA ALA B 247 -22.87 -1.44 16.36
C ALA B 247 -21.42 -1.01 16.55
N LEU B 248 -20.71 -0.83 15.44
CA LEU B 248 -19.33 -0.39 15.49
C LEU B 248 -19.25 0.98 16.17
N GLU B 249 -20.18 1.87 15.82
CA GLU B 249 -20.21 3.20 16.42
C GLU B 249 -20.44 3.08 17.92
N GLY B 250 -21.38 2.21 18.30
CA GLY B 250 -21.68 2.03 19.70
C GLY B 250 -20.45 1.66 20.52
N THR B 251 -19.64 0.76 19.99
CA THR B 251 -18.42 0.34 20.69
C THR B 251 -17.36 1.43 20.63
N ALA B 252 -17.22 2.07 19.48
CA ALA B 252 -16.23 3.13 19.31
C ALA B 252 -16.51 4.24 20.31
N THR B 253 -17.79 4.53 20.53
CA THR B 253 -18.18 5.56 21.47
C THR B 253 -17.74 5.19 22.89
N LYS B 254 -17.93 3.93 23.26
CA LYS B 254 -17.53 3.48 24.59
C LYS B 254 -16.01 3.54 24.72
N VAL B 255 -15.31 3.22 23.63
CA VAL B 255 -13.85 3.24 23.65
C VAL B 255 -13.33 4.66 23.84
N ILE B 256 -13.93 5.62 23.12
CA ILE B 256 -13.51 7.00 23.26
C ILE B 256 -13.75 7.51 24.68
N ASN B 257 -14.90 7.20 25.25
CA ASN B 257 -15.19 7.64 26.61
C ASN B 257 -14.26 7.00 27.63
N PHE B 258 -13.78 5.80 27.32
CA PHE B 258 -12.87 5.09 28.22
C PHE B 258 -11.48 5.70 28.15
N ILE B 259 -11.04 6.06 26.94
CA ILE B 259 -9.72 6.64 26.72
C ILE B 259 -9.61 8.05 27.30
N ASN B 260 -10.71 8.78 27.30
CA ASN B 260 -10.74 10.15 27.81
C ASN B 260 -10.18 10.28 29.23
N GLY B 261 -9.16 11.11 29.38
CA GLY B 261 -8.56 11.32 30.69
C GLY B 261 -7.52 10.30 31.10
N ARG B 262 -7.35 9.27 30.30
CA ARG B 262 -6.38 8.22 30.60
C ARG B 262 -5.07 8.37 29.86
N ASN B 263 -4.05 7.67 30.35
CA ASN B 263 -2.75 7.66 29.72
C ASN B 263 -2.61 6.28 29.08
N LEU B 264 -1.69 6.14 28.14
CA LEU B 264 -1.47 4.88 27.45
C LEU B 264 -1.23 3.71 28.39
N SER B 265 -0.59 3.98 29.51
CA SER B 265 -0.28 2.94 30.50
C SER B 265 -1.48 2.35 31.22
N ASP B 266 -2.62 3.03 31.17
CA ASP B 266 -3.82 2.54 31.86
C ASP B 266 -4.94 2.02 30.95
N LEU B 267 -4.63 1.79 29.69
CA LEU B 267 -5.64 1.29 28.77
C LEU B 267 -5.87 -0.21 28.91
#